data_3O80
#
_entry.id   3O80
#
_cell.length_a   118.346
_cell.length_b   233.904
_cell.length_c   49.744
_cell.angle_alpha   90.00
_cell.angle_beta   90.00
_cell.angle_gamma   90.00
#
_symmetry.space_group_name_H-M   'C 2 2 21'
#
loop_
_entity.id
_entity.type
_entity.pdbx_description
1 polymer Hexokinase
2 non-polymer 'PHOSPHOAMINOPHOSPHONIC ACID-ADENYLATE ESTER'
3 water water
#
_entity_poly.entity_id   1
_entity_poly.type   'polypeptide(L)'
_entity_poly.pdbx_seq_one_letter_code
;MVRLGPKKPPARKGSMADVPANLMEQIHGLETLFTVSSEKMRSIVKHFISELDKGLSKKGGNIPMIPGWVVEYPTGKETG
DFLALDLGGTNLRVVLVKLGGNHDFDTTQNKYRLPDHLRTGTSEQLWSFIAKCLKEFVDEWYPDGVSEPLPLGFTFSYPA
SQKKINSGVLQRWTKGFDIEGVEGHDVVPMLQEQIEKLNIPINVVALINDTTGTLVASLYTDPQTKMGIIIGTGVNGAYY
DVVSGIEKLEGLLPEDIGPDSPMAINCEYGSFDNEHLVLPRTKYDVIIDEESPRPGQQAFEKMTSGYYLGEIMRLVLLDL
YDSGFIFKDQDISKLKEAYVMDTSYPSKIEDDPFENLEDTDDLFKTNLNIETTVVERKLIRKLAELVGTRAARLTVCGVS
AICDKRGYKTAHIAADGSVFNRYPGYKEKAAQALKDIYNWDVEKMEDHPIQLVAAEDGSGVGAAIIACLTQKRLAAGKSV
GIKGE
;
_entity_poly.pdbx_strand_id   A
#
# COMPACT_ATOMS: atom_id res chain seq x y z
N ALA A 17 -12.07 -39.31 0.02
CA ALA A 17 -10.98 -39.08 -0.97
C ALA A 17 -9.55 -39.08 -0.36
N ASP A 18 -8.83 -40.20 -0.57
CA ASP A 18 -7.41 -40.33 -0.27
C ASP A 18 -6.62 -39.97 -1.51
N VAL A 19 -5.66 -39.04 -1.36
CA VAL A 19 -4.87 -38.55 -2.51
C VAL A 19 -3.98 -39.65 -3.19
N PRO A 20 -4.25 -39.94 -4.49
CA PRO A 20 -3.42 -40.87 -5.25
C PRO A 20 -1.96 -40.44 -5.14
N ALA A 21 -1.07 -41.44 -5.07
CA ALA A 21 0.37 -41.31 -4.98
C ALA A 21 1.00 -40.33 -5.99
N ASN A 22 0.61 -40.42 -7.28
CA ASN A 22 1.09 -39.50 -8.33
C ASN A 22 0.73 -38.03 -8.09
N LEU A 23 -0.45 -37.82 -7.49
CA LEU A 23 -0.92 -36.49 -7.09
C LEU A 23 -0.27 -36.02 -5.81
N MET A 24 0.01 -36.96 -4.91
CA MET A 24 0.73 -36.57 -3.68
C MET A 24 2.13 -36.11 -4.00
N GLU A 25 2.83 -36.85 -4.86
CA GLU A 25 4.14 -36.45 -5.39
C GLU A 25 4.08 -35.05 -6.04
N GLN A 26 3.03 -34.71 -6.79
CA GLN A 26 2.98 -33.35 -7.33
C GLN A 26 2.82 -32.28 -6.22
N ILE A 27 2.04 -32.60 -5.18
CA ILE A 27 1.86 -31.61 -4.13
C ILE A 27 3.21 -31.35 -3.42
N HIS A 28 3.97 -32.43 -3.15
CA HIS A 28 5.29 -32.27 -2.57
C HIS A 28 6.17 -31.38 -3.46
N GLY A 29 6.04 -31.53 -4.77
CA GLY A 29 6.76 -30.77 -5.78
C GLY A 29 6.38 -29.32 -5.67
N LEU A 30 5.10 -29.03 -5.46
CA LEU A 30 4.64 -27.64 -5.42
C LEU A 30 5.16 -27.01 -4.16
N GLU A 31 5.09 -27.76 -3.06
CA GLU A 31 5.75 -27.31 -1.80
C GLU A 31 7.23 -26.94 -1.96
N THR A 32 8.03 -27.77 -2.65
CA THR A 32 9.43 -27.42 -2.84
C THR A 32 9.52 -26.15 -3.70
N LEU A 33 8.65 -26.00 -4.69
CA LEU A 33 8.73 -24.77 -5.58
C LEU A 33 8.37 -23.46 -4.87
N PHE A 34 7.40 -23.56 -3.95
CA PHE A 34 6.75 -22.36 -3.37
C PHE A 34 7.05 -22.02 -1.91
N THR A 35 7.72 -22.92 -1.18
CA THR A 35 7.96 -22.63 0.22
C THR A 35 9.18 -21.77 0.35
N VAL A 36 9.16 -20.88 1.33
CA VAL A 36 10.22 -19.94 1.54
C VAL A 36 10.66 -20.16 2.96
N SER A 37 11.86 -20.67 3.09
CA SER A 37 12.46 -20.87 4.38
C SER A 37 12.91 -19.58 5.13
N SER A 38 13.06 -19.74 6.41
CA SER A 38 13.64 -18.72 7.31
C SER A 38 14.92 -18.10 6.74
N GLU A 39 15.87 -18.98 6.38
CA GLU A 39 17.21 -18.64 5.91
C GLU A 39 17.12 -17.89 4.58
N LYS A 40 16.27 -18.34 3.66
CA LYS A 40 16.05 -17.58 2.46
C LYS A 40 15.41 -16.24 2.78
N MET A 41 14.48 -16.21 3.70
CA MET A 41 13.92 -14.92 4.00
C MET A 41 14.96 -13.94 4.44
N ARG A 42 15.88 -14.43 5.27
CA ARG A 42 16.91 -13.61 5.87
C ARG A 42 17.91 -13.10 4.84
N SER A 43 18.22 -13.93 3.83
CA SER A 43 19.05 -13.51 2.73
C SER A 43 18.30 -12.44 1.89
N ILE A 44 17.03 -12.65 1.62
CA ILE A 44 16.22 -11.63 0.90
C ILE A 44 16.20 -10.27 1.67
N VAL A 45 16.04 -10.33 3.00
CA VAL A 45 16.00 -9.13 3.83
C VAL A 45 17.32 -8.33 3.73
N LYS A 46 18.43 -9.07 3.76
CA LYS A 46 19.75 -8.49 3.59
C LYS A 46 19.96 -7.72 2.28
N HIS A 47 19.58 -8.32 1.14
CA HIS A 47 19.56 -7.60 -0.13
C HIS A 47 18.60 -6.38 -0.14
N PHE A 48 17.48 -6.50 0.58
CA PHE A 48 16.45 -5.47 0.59
C PHE A 48 17.01 -4.25 1.35
N ILE A 49 17.68 -4.48 2.47
CA ILE A 49 18.37 -3.43 3.20
C ILE A 49 19.31 -2.64 2.31
N SER A 50 20.17 -3.29 1.51
CA SER A 50 21.07 -2.45 0.75
C SER A 50 20.41 -1.79 -0.46
N GLU A 51 19.29 -2.34 -0.91
CA GLU A 51 18.48 -1.66 -1.93
C GLU A 51 17.70 -0.43 -1.37
N LEU A 52 17.12 -0.53 -0.18
CA LEU A 52 16.62 0.67 0.49
C LEU A 52 17.73 1.78 0.69
N ASP A 53 18.90 1.39 1.23
CA ASP A 53 20.06 2.27 1.37
C ASP A 53 20.40 2.92 0.00
N LYS A 54 20.41 2.12 -1.05
CA LYS A 54 20.81 2.63 -2.36
C LYS A 54 19.79 3.65 -2.89
N GLY A 55 18.52 3.41 -2.61
CA GLY A 55 17.50 4.33 -3.05
C GLY A 55 17.64 5.66 -2.32
N LEU A 56 18.13 5.63 -1.08
CA LEU A 56 18.31 6.83 -0.27
C LEU A 56 19.55 7.64 -0.64
N SER A 57 20.52 6.99 -1.30
CA SER A 57 21.76 7.62 -1.63
C SER A 57 21.76 8.22 -3.06
N LYS A 58 20.91 7.69 -3.90
CA LYS A 58 20.88 8.10 -5.27
C LYS A 58 19.45 8.17 -5.78
N LYS A 59 19.19 9.18 -6.62
CA LYS A 59 17.96 9.22 -7.39
C LYS A 59 17.98 8.01 -8.35
N GLY A 60 16.88 7.27 -8.42
CA GLY A 60 16.81 6.14 -9.36
C GLY A 60 17.60 4.85 -9.07
N GLY A 61 17.78 4.48 -7.79
CA GLY A 61 18.09 3.06 -7.47
C GLY A 61 16.77 2.43 -7.86
N ASN A 62 16.66 1.11 -7.99
CA ASN A 62 15.35 0.59 -8.30
C ASN A 62 14.28 0.96 -7.24
N ILE A 63 14.68 1.30 -6.02
CA ILE A 63 13.67 1.69 -4.99
C ILE A 63 13.66 3.20 -4.84
N PRO A 64 12.57 3.83 -5.31
CA PRO A 64 12.51 5.30 -5.26
C PRO A 64 12.93 5.95 -3.87
N MET A 65 12.44 5.41 -2.76
CA MET A 65 12.66 6.00 -1.43
C MET A 65 12.36 7.55 -1.41
N ILE A 66 11.10 7.94 -1.71
CA ILE A 66 10.71 9.35 -1.90
C ILE A 66 10.59 10.06 -0.53
N PRO A 67 11.39 11.14 -0.27
CA PRO A 67 11.15 11.91 1.00
C PRO A 67 9.68 12.37 1.02
N GLY A 68 8.96 12.16 2.13
CA GLY A 68 7.58 12.66 2.24
C GLY A 68 7.44 14.04 2.85
N TRP A 69 8.57 14.60 3.29
CA TRP A 69 8.58 15.99 3.72
C TRP A 69 7.77 16.12 5.01
N VAL A 70 7.75 15.06 5.82
CA VAL A 70 7.24 15.14 7.19
C VAL A 70 8.46 14.95 8.01
N VAL A 71 8.78 15.92 8.85
CA VAL A 71 10.11 15.90 9.48
C VAL A 71 10.00 15.89 11.00
N GLU A 72 8.88 15.42 11.53
CA GLU A 72 8.67 15.29 12.95
C GLU A 72 7.75 14.10 13.15
N TYR A 73 7.84 13.47 14.32
CA TYR A 73 6.90 12.45 14.76
C TYR A 73 5.75 13.16 15.39
N PRO A 74 4.51 12.70 15.13
CA PRO A 74 3.42 13.22 15.95
C PRO A 74 3.64 12.76 17.40
N THR A 75 3.27 13.58 18.39
CA THR A 75 3.51 13.20 19.78
C THR A 75 2.27 12.48 20.38
N GLY A 76 1.11 12.63 19.75
CA GLY A 76 -0.14 12.17 20.33
C GLY A 76 -0.84 13.18 21.21
N LYS A 77 -0.13 14.26 21.55
CA LYS A 77 -0.68 15.41 22.31
C LYS A 77 -1.25 16.55 21.41
N GLU A 78 -1.11 16.48 20.08
CA GLU A 78 -1.72 17.50 19.22
C GLU A 78 -3.26 17.60 19.41
N THR A 79 -3.78 18.83 19.42
CA THR A 79 -5.22 19.03 19.52
C THR A 79 -5.64 19.95 18.37
N GLY A 80 -6.96 20.02 18.13
CA GLY A 80 -7.54 20.95 17.14
C GLY A 80 -8.27 20.27 15.97
N ASP A 81 -8.84 21.10 15.06
CA ASP A 81 -9.62 20.62 13.94
C ASP A 81 -8.78 20.66 12.65
N PHE A 82 -8.79 19.55 11.87
CA PHE A 82 -7.96 19.46 10.68
C PHE A 82 -8.76 18.78 9.53
N LEU A 83 -8.56 19.25 8.29
CA LEU A 83 -9.30 18.67 7.16
C LEU A 83 -8.42 17.79 6.28
N ALA A 84 -9.09 16.87 5.60
CA ALA A 84 -8.46 16.14 4.52
C ALA A 84 -9.38 16.05 3.34
N LEU A 85 -8.75 16.06 2.17
CA LEU A 85 -9.40 15.93 0.94
C LEU A 85 -8.75 14.69 0.27
N ASP A 86 -9.59 13.73 -0.07
CA ASP A 86 -9.16 12.45 -0.66
C ASP A 86 -9.80 12.41 -2.03
N LEU A 87 -9.04 12.74 -3.08
CA LEU A 87 -9.65 12.79 -4.42
C LEU A 87 -9.56 11.47 -5.18
N GLY A 88 -10.72 10.91 -5.50
CA GLY A 88 -10.81 9.55 -6.01
C GLY A 88 -11.25 9.40 -7.45
N GLY A 89 -11.43 8.15 -7.87
CA GLY A 89 -11.85 7.85 -9.23
C GLY A 89 -13.22 8.43 -9.58
N THR A 90 -14.18 8.25 -8.69
CA THR A 90 -15.54 8.77 -8.90
C THR A 90 -16.07 9.64 -7.72
N ASN A 91 -15.32 9.66 -6.60
CA ASN A 91 -15.65 10.36 -5.34
C ASN A 91 -14.57 11.34 -4.88
N LEU A 92 -15.02 12.36 -4.18
CA LEU A 92 -14.16 13.23 -3.46
C LEU A 92 -14.63 12.93 -2.07
N ARG A 93 -13.72 12.62 -1.13
CA ARG A 93 -14.07 12.42 0.26
C ARG A 93 -13.47 13.58 1.01
N VAL A 94 -14.28 14.21 1.86
CA VAL A 94 -13.83 15.30 2.72
C VAL A 94 -13.97 14.83 4.16
N VAL A 95 -12.88 14.90 4.92
CA VAL A 95 -12.86 14.35 6.24
C VAL A 95 -12.56 15.51 7.20
N LEU A 96 -13.32 15.59 8.27
CA LEU A 96 -12.89 16.51 9.36
C LEU A 96 -12.34 15.61 10.49
N VAL A 97 -11.17 15.96 11.02
CA VAL A 97 -10.60 15.23 12.16
C VAL A 97 -10.53 16.18 13.35
N LYS A 98 -11.10 15.77 14.50
CA LYS A 98 -10.91 16.43 15.82
C LYS A 98 -9.89 15.70 16.66
N LEU A 99 -8.69 16.28 16.81
CA LEU A 99 -7.62 15.67 17.61
C LEU A 99 -7.82 15.99 19.10
N GLY A 100 -7.95 14.94 19.92
CA GLY A 100 -8.25 15.06 21.34
C GLY A 100 -7.01 15.21 22.24
N GLY A 101 -5.80 15.11 21.67
CA GLY A 101 -4.57 15.27 22.52
C GLY A 101 -4.16 14.12 23.43
N ASN A 102 -4.85 13.00 23.34
CA ASN A 102 -4.40 11.87 24.10
C ASN A 102 -4.27 10.65 23.15
N HIS A 103 -3.57 10.81 22.00
CA HIS A 103 -3.54 9.72 20.99
C HIS A 103 -4.97 9.35 20.54
N ASP A 104 -5.91 10.29 20.62
CA ASP A 104 -7.32 10.02 20.35
C ASP A 104 -7.81 11.02 19.33
N PHE A 105 -8.91 10.69 18.65
CA PHE A 105 -9.45 11.63 17.67
C PHE A 105 -10.92 11.22 17.36
N ASP A 106 -11.76 12.20 17.03
CA ASP A 106 -13.04 11.89 16.44
C ASP A 106 -13.02 12.37 14.98
N THR A 107 -13.94 11.84 14.18
CA THR A 107 -13.90 12.13 12.77
C THR A 107 -15.31 12.17 12.23
N THR A 108 -15.54 13.01 11.23
CA THR A 108 -16.72 12.80 10.39
C THR A 108 -16.39 13.07 8.95
N GLN A 109 -17.27 12.62 8.03
CA GLN A 109 -16.88 12.71 6.61
C GLN A 109 -18.08 12.79 5.70
N ASN A 110 -17.89 13.39 4.54
CA ASN A 110 -18.87 13.36 3.47
C ASN A 110 -18.19 12.89 2.20
N LYS A 111 -18.92 12.22 1.31
CA LYS A 111 -18.41 11.96 -0.05
C LYS A 111 -19.28 12.69 -1.11
N TYR A 112 -18.67 13.26 -2.16
CA TYR A 112 -19.37 13.90 -3.28
C TYR A 112 -19.02 13.20 -4.60
N ARG A 113 -20.03 12.72 -5.35
CA ARG A 113 -19.85 12.26 -6.76
C ARG A 113 -19.12 13.40 -7.49
N LEU A 114 -18.13 13.10 -8.33
CA LEU A 114 -17.56 14.14 -9.24
C LEU A 114 -18.37 14.10 -10.57
N PRO A 115 -18.90 15.26 -11.02
CA PRO A 115 -19.86 15.22 -12.13
C PRO A 115 -19.22 14.74 -13.43
N ASP A 116 -20.02 14.03 -14.22
CA ASP A 116 -19.60 13.47 -15.51
C ASP A 116 -18.75 14.43 -16.39
N HIS A 117 -19.29 15.63 -16.61
CA HIS A 117 -18.85 16.57 -17.71
C HIS A 117 -17.55 17.40 -17.46
N LEU A 118 -16.96 17.26 -16.26
CA LEU A 118 -15.81 18.06 -15.84
C LEU A 118 -14.54 17.26 -15.32
N ARG A 119 -14.69 15.92 -15.18
CA ARG A 119 -13.55 14.99 -15.33
C ARG A 119 -12.98 15.13 -16.74
N THR A 120 -13.86 15.39 -17.71
CA THR A 120 -13.42 15.47 -19.13
C THR A 120 -12.81 16.85 -19.39
N GLY A 121 -13.04 17.76 -18.45
CA GLY A 121 -11.93 18.56 -17.90
C GLY A 121 -11.46 19.95 -18.33
N THR A 122 -11.99 21.00 -17.69
CA THR A 122 -11.22 22.23 -17.56
C THR A 122 -10.60 22.30 -16.16
N SER A 123 -9.35 22.70 -16.11
CA SER A 123 -8.62 22.63 -14.85
C SER A 123 -9.41 23.45 -13.83
N GLU A 124 -9.94 24.58 -14.30
CA GLU A 124 -10.63 25.53 -13.45
C GLU A 124 -12.05 25.09 -13.01
N GLN A 125 -12.67 24.19 -13.75
CA GLN A 125 -13.94 23.70 -13.28
C GLN A 125 -13.73 22.55 -12.31
N LEU A 126 -12.61 21.85 -12.46
CA LEU A 126 -12.32 20.79 -11.55
C LEU A 126 -12.15 21.43 -10.17
N TRP A 127 -11.35 22.51 -10.09
CA TRP A 127 -10.99 23.06 -8.76
C TRP A 127 -12.10 23.87 -8.13
N SER A 128 -12.92 24.52 -8.96
CA SER A 128 -14.12 25.23 -8.53
C SER A 128 -15.14 24.31 -7.89
N PHE A 129 -15.34 23.14 -8.51
CA PHE A 129 -16.14 22.07 -7.91
C PHE A 129 -15.58 21.44 -6.61
N ILE A 130 -14.30 21.13 -6.59
CA ILE A 130 -13.70 20.70 -5.33
C ILE A 130 -13.92 21.75 -4.23
N ALA A 131 -13.67 23.01 -4.60
CA ALA A 131 -13.90 24.14 -3.71
C ALA A 131 -15.36 24.27 -3.30
N LYS A 132 -16.29 24.13 -4.23
CA LYS A 132 -17.66 24.28 -3.90
C LYS A 132 -18.10 23.19 -2.90
N CYS A 133 -17.60 21.97 -3.12
CA CYS A 133 -17.78 20.86 -2.14
C CYS A 133 -17.23 21.13 -0.72
N LEU A 134 -16.04 21.70 -0.66
CA LEU A 134 -15.39 22.05 0.66
C LEU A 134 -16.21 23.14 1.34
N LYS A 135 -16.74 24.08 0.55
CA LYS A 135 -17.60 25.11 1.09
C LYS A 135 -18.89 24.55 1.72
N GLU A 136 -19.57 23.66 0.98
CA GLU A 136 -20.72 22.93 1.48
C GLU A 136 -20.40 22.17 2.77
N PHE A 137 -19.25 21.52 2.81
CA PHE A 137 -18.81 20.75 3.98
C PHE A 137 -18.60 21.66 5.19
N VAL A 138 -17.89 22.76 4.96
CA VAL A 138 -17.50 23.68 6.03
C VAL A 138 -18.74 24.41 6.57
N ASP A 139 -19.74 24.67 5.71
CA ASP A 139 -20.92 25.34 6.17
C ASP A 139 -21.82 24.39 6.97
N GLU A 140 -21.71 23.11 6.67
CA GLU A 140 -22.56 22.16 7.37
C GLU A 140 -21.93 21.89 8.81
N TRP A 141 -20.63 21.74 8.88
CA TRP A 141 -19.94 21.37 10.15
C TRP A 141 -19.49 22.55 11.01
N TYR A 142 -19.49 23.75 10.40
CA TYR A 142 -19.21 25.02 11.10
C TYR A 142 -20.28 26.04 10.68
N PRO A 143 -21.55 25.81 11.07
CA PRO A 143 -22.67 26.71 10.70
C PRO A 143 -22.63 28.06 11.38
N ASP A 144 -21.85 28.16 12.46
CA ASP A 144 -21.67 29.51 13.06
C ASP A 144 -20.48 30.24 12.47
N GLY A 145 -19.59 29.50 11.82
CA GLY A 145 -18.37 30.04 11.24
C GLY A 145 -17.17 29.40 11.93
N VAL A 146 -16.00 29.61 11.36
CA VAL A 146 -14.82 29.04 11.96
C VAL A 146 -14.10 30.22 12.57
N SER A 147 -13.51 30.02 13.77
CA SER A 147 -12.63 31.05 14.38
C SER A 147 -11.41 31.23 13.47
N GLU A 148 -10.58 30.18 13.39
CA GLU A 148 -9.40 30.21 12.57
C GLU A 148 -9.51 29.24 11.39
N PRO A 149 -8.84 29.57 10.29
CA PRO A 149 -8.70 28.83 9.04
C PRO A 149 -8.40 27.36 9.31
N LEU A 150 -9.10 26.45 8.63
CA LEU A 150 -8.77 25.05 8.88
C LEU A 150 -7.67 24.60 7.93
N PRO A 151 -6.60 23.98 8.49
CA PRO A 151 -5.56 23.42 7.64
C PRO A 151 -6.10 22.15 6.99
N LEU A 152 -5.67 21.96 5.76
CA LEU A 152 -6.18 20.87 4.97
C LEU A 152 -5.02 20.03 4.40
N GLY A 153 -5.09 18.71 4.55
CA GLY A 153 -4.14 17.79 3.90
C GLY A 153 -4.81 17.08 2.74
N PHE A 154 -4.11 17.05 1.62
CA PHE A 154 -4.65 16.60 0.36
C PHE A 154 -3.93 15.29 -0.10
N THR A 155 -4.66 14.17 -0.08
CA THR A 155 -4.24 12.90 -0.60
C THR A 155 -4.55 12.91 -2.05
N PHE A 156 -3.48 12.94 -2.84
CA PHE A 156 -3.61 13.15 -4.25
C PHE A 156 -2.96 11.96 -4.95
N SER A 157 -3.79 10.99 -5.31
CA SER A 157 -3.33 9.65 -5.71
C SER A 157 -3.15 9.55 -7.22
N TYR A 158 -2.23 10.36 -7.76
CA TYR A 158 -1.92 10.43 -9.18
C TYR A 158 -0.44 10.75 -9.25
N PRO A 159 0.25 10.28 -10.33
CA PRO A 159 1.71 10.51 -10.40
C PRO A 159 2.04 12.02 -10.23
N ALA A 160 2.90 12.33 -9.25
CA ALA A 160 3.24 13.73 -8.89
C ALA A 160 4.61 13.84 -8.22
N SER A 161 5.31 14.95 -8.43
CA SER A 161 6.51 15.20 -7.64
C SER A 161 6.37 16.44 -6.74
N GLN A 162 7.05 16.41 -5.62
CA GLN A 162 7.01 17.57 -4.73
C GLN A 162 8.40 17.79 -4.14
N LYS A 163 8.79 19.04 -4.12
CA LYS A 163 10.01 19.45 -3.54
C LYS A 163 9.77 20.09 -2.17
N LYS A 164 8.48 20.22 -1.83
CA LYS A 164 8.04 20.60 -0.46
C LYS A 164 6.68 20.02 -0.18
N ILE A 165 6.30 19.90 1.10
CA ILE A 165 5.10 19.19 1.37
C ILE A 165 3.86 19.90 0.87
N ASN A 166 3.93 21.25 0.75
CA ASN A 166 2.79 22.05 0.31
C ASN A 166 2.76 22.34 -1.23
N SER A 167 2.96 21.29 -2.02
CA SER A 167 3.19 21.36 -3.45
C SER A 167 2.97 19.93 -4.02
N GLY A 168 2.40 19.85 -5.23
CA GLY A 168 2.37 18.58 -5.92
C GLY A 168 2.31 18.92 -7.36
N VAL A 169 3.38 18.63 -8.11
CA VAL A 169 3.39 18.91 -9.55
C VAL A 169 3.03 17.59 -10.22
N LEU A 170 1.87 17.62 -10.91
CA LEU A 170 1.27 16.46 -11.51
C LEU A 170 2.12 16.01 -12.70
N GLN A 171 2.65 14.79 -12.66
CA GLN A 171 3.35 14.25 -13.82
C GLN A 171 2.35 13.89 -14.95
N ARG A 172 1.33 13.09 -14.64
CA ARG A 172 0.32 12.73 -15.65
C ARG A 172 -1.01 12.33 -15.02
N TRP A 173 -2.09 12.71 -15.68
CA TRP A 173 -3.44 12.30 -15.28
C TRP A 173 -3.57 10.80 -15.44
N THR A 174 -4.51 10.25 -14.69
CA THR A 174 -4.77 8.83 -14.72
C THR A 174 -6.29 8.63 -14.59
N LYS A 175 -6.78 7.42 -14.85
CA LYS A 175 -8.14 7.00 -14.44
C LYS A 175 -9.29 7.79 -15.09
N GLY A 176 -9.22 8.01 -16.40
CA GLY A 176 -10.31 8.68 -17.13
C GLY A 176 -10.24 10.20 -17.11
N PHE A 177 -9.55 10.77 -16.10
CA PHE A 177 -9.13 12.18 -16.04
C PHE A 177 -8.26 12.56 -17.23
N ASP A 178 -8.77 13.49 -18.04
CA ASP A 178 -8.01 14.12 -19.09
C ASP A 178 -8.24 15.63 -19.01
N ILE A 179 -7.64 16.24 -17.98
CA ILE A 179 -7.71 17.69 -17.85
C ILE A 179 -6.42 18.34 -18.36
N GLU A 180 -6.56 19.15 -19.41
CA GLU A 180 -5.41 19.83 -19.97
C GLU A 180 -4.89 20.90 -19.00
N GLY A 181 -3.57 21.08 -19.01
CA GLY A 181 -2.95 22.23 -18.39
C GLY A 181 -2.78 22.12 -16.90
N VAL A 182 -3.13 20.96 -16.36
CA VAL A 182 -2.81 20.63 -14.98
C VAL A 182 -1.43 19.96 -14.91
N GLU A 183 -1.10 19.16 -15.92
CA GLU A 183 0.12 18.37 -15.93
C GLU A 183 1.31 19.30 -16.11
N GLY A 184 2.29 19.21 -15.22
CA GLY A 184 3.41 20.16 -15.27
C GLY A 184 3.17 21.38 -14.40
N HIS A 185 2.06 21.37 -13.65
CA HIS A 185 1.68 22.49 -12.79
C HIS A 185 1.41 21.96 -11.41
N ASP A 186 1.79 22.76 -10.39
CA ASP A 186 1.52 22.53 -9.00
C ASP A 186 0.04 22.63 -8.74
N VAL A 187 -0.54 21.59 -8.15
CA VAL A 187 -1.99 21.58 -7.99
C VAL A 187 -2.47 22.38 -6.77
N VAL A 188 -1.57 22.61 -5.82
CA VAL A 188 -1.94 23.21 -4.55
C VAL A 188 -2.47 24.64 -4.68
N PRO A 189 -1.71 25.55 -5.38
CA PRO A 189 -2.21 26.92 -5.63
C PRO A 189 -3.44 26.94 -6.55
N MET A 190 -3.50 26.04 -7.55
CA MET A 190 -4.72 25.84 -8.35
C MET A 190 -5.94 25.59 -7.45
N LEU A 191 -5.84 24.62 -6.53
CA LEU A 191 -6.92 24.38 -5.56
C LEU A 191 -7.10 25.55 -4.56
N GLN A 192 -5.99 26.01 -3.97
CA GLN A 192 -6.02 27.15 -3.03
C GLN A 192 -6.70 28.41 -3.57
N GLU A 193 -6.45 28.71 -4.82
CA GLU A 193 -7.08 29.82 -5.53
C GLU A 193 -8.60 29.74 -5.55
N GLN A 194 -9.16 28.56 -5.80
CA GLN A 194 -10.64 28.42 -5.89
C GLN A 194 -11.29 28.46 -4.50
N ILE A 195 -10.55 28.01 -3.49
CA ILE A 195 -10.96 28.11 -2.09
C ILE A 195 -11.13 29.60 -1.73
N GLU A 196 -10.15 30.43 -2.15
CA GLU A 196 -10.08 31.86 -1.80
C GLU A 196 -11.18 32.59 -2.51
N LYS A 197 -11.35 32.29 -3.78
CA LYS A 197 -12.48 32.83 -4.54
C LYS A 197 -13.84 32.55 -3.89
N LEU A 198 -14.01 31.38 -3.24
CA LEU A 198 -15.27 31.08 -2.53
C LEU A 198 -15.29 31.60 -1.10
N ASN A 199 -14.20 32.29 -0.73
CA ASN A 199 -14.06 32.83 0.62
C ASN A 199 -14.27 31.71 1.61
N ILE A 200 -13.71 30.54 1.36
CA ILE A 200 -13.77 29.50 2.35
C ILE A 200 -12.52 29.63 3.26
N PRO A 201 -12.71 29.58 4.59
CA PRO A 201 -11.55 29.63 5.53
C PRO A 201 -10.74 28.30 5.68
N ILE A 202 -9.96 27.99 4.65
CA ILE A 202 -9.21 26.76 4.60
C ILE A 202 -7.85 27.13 3.99
N ASN A 203 -6.77 26.52 4.50
CA ASN A 203 -5.52 26.59 3.77
C ASN A 203 -5.00 25.23 3.46
N VAL A 204 -4.58 25.04 2.20
CA VAL A 204 -4.03 23.72 1.80
C VAL A 204 -2.55 23.66 2.15
N VAL A 205 -2.23 22.87 3.14
CA VAL A 205 -0.84 22.89 3.67
C VAL A 205 0.00 21.62 3.41
N ALA A 206 -0.62 20.60 2.84
CA ALA A 206 0.10 19.38 2.59
C ALA A 206 -0.60 18.60 1.50
N LEU A 207 0.22 17.99 0.66
CA LEU A 207 -0.18 17.00 -0.34
C LEU A 207 0.69 15.73 -0.11
N ILE A 208 0.00 14.60 0.04
CA ILE A 208 0.69 13.35 0.42
C ILE A 208 0.31 12.20 -0.50
N ASN A 209 1.10 11.11 -0.42
CA ASN A 209 0.74 9.76 -0.86
C ASN A 209 -0.03 9.07 0.26
N ASP A 210 -1.09 8.31 -0.04
CA ASP A 210 -1.87 7.63 1.02
C ASP A 210 -1.02 6.79 2.08
N THR A 211 0.03 6.10 1.65
CA THR A 211 0.80 5.29 2.54
C THR A 211 1.55 6.14 3.57
N THR A 212 1.94 7.36 3.20
CA THR A 212 2.62 8.23 4.12
C THR A 212 1.60 8.59 5.22
N GLY A 213 0.38 8.93 4.80
CA GLY A 213 -0.74 9.07 5.75
C GLY A 213 -1.05 7.84 6.64
N THR A 214 -0.85 6.63 6.15
CA THR A 214 -1.12 5.40 6.89
C THR A 214 -0.11 5.35 8.02
N LEU A 215 1.13 5.69 7.76
CA LEU A 215 2.14 5.71 8.82
C LEU A 215 1.86 6.76 9.95
N VAL A 216 1.61 7.99 9.55
CA VAL A 216 1.50 9.09 10.49
C VAL A 216 0.21 9.05 11.31
N ALA A 217 -0.91 8.74 10.68
CA ALA A 217 -2.18 8.56 11.43
C ALA A 217 -2.12 7.42 12.45
N SER A 218 -1.49 6.32 12.07
CA SER A 218 -1.35 5.14 12.96
C SER A 218 -0.38 5.47 14.10
N LEU A 219 0.67 6.21 13.80
CA LEU A 219 1.62 6.62 14.81
C LEU A 219 1.02 7.58 15.83
N TYR A 220 0.06 8.39 15.39
CA TYR A 220 -0.59 9.31 16.31
C TYR A 220 -1.39 8.51 17.37
N THR A 221 -2.12 7.48 16.94
CA THR A 221 -3.00 6.81 17.93
C THR A 221 -2.22 5.66 18.62
N ASP A 222 -1.14 5.20 17.96
CA ASP A 222 -0.30 4.08 18.43
C ASP A 222 1.18 4.43 18.34
N PRO A 223 1.80 4.86 19.51
CA PRO A 223 3.19 5.29 19.45
C PRO A 223 4.20 4.18 19.23
N GLN A 224 3.77 2.92 19.11
CA GLN A 224 4.76 1.90 18.77
C GLN A 224 4.86 1.71 17.27
N THR A 225 4.07 2.44 16.48
CA THR A 225 4.04 2.28 15.05
C THR A 225 5.40 2.70 14.50
N LYS A 226 5.99 1.90 13.61
CA LYS A 226 7.33 2.18 13.06
C LYS A 226 7.25 2.12 11.56
N MET A 227 6.09 1.76 11.03
CA MET A 227 5.95 1.61 9.59
C MET A 227 4.51 1.59 9.28
N GLY A 228 4.14 2.21 8.15
CA GLY A 228 2.80 2.05 7.50
C GLY A 228 2.96 1.17 6.24
N ILE A 229 2.11 0.16 6.11
CA ILE A 229 2.27 -0.80 5.00
C ILE A 229 0.92 -1.03 4.33
N ILE A 230 0.94 -1.04 3.00
CA ILE A 230 -0.27 -1.35 2.18
C ILE A 230 -0.01 -2.67 1.46
N ILE A 231 -0.85 -3.65 1.72
CA ILE A 231 -0.77 -4.85 0.94
C ILE A 231 -2.09 -5.10 0.23
N GLY A 232 -2.18 -4.77 -1.04
CA GLY A 232 -3.46 -4.91 -1.75
C GLY A 232 -3.15 -5.38 -3.17
N THR A 233 -3.89 -4.81 -4.10
CA THR A 233 -3.67 -4.84 -5.54
C THR A 233 -2.31 -4.30 -5.85
N GLY A 234 -1.96 -3.20 -5.17
CA GLY A 234 -0.59 -2.67 -5.18
C GLY A 234 0.08 -2.92 -3.84
N VAL A 235 1.38 -2.69 -3.77
CA VAL A 235 2.04 -2.79 -2.46
C VAL A 235 2.84 -1.52 -2.26
N ASN A 236 2.75 -0.99 -1.04
CA ASN A 236 3.66 0.07 -0.64
C ASN A 236 4.02 0.06 0.84
N GLY A 237 5.13 0.72 1.16
CA GLY A 237 5.60 0.88 2.59
C GLY A 237 6.09 2.30 2.86
N ALA A 238 5.83 2.82 4.07
CA ALA A 238 6.32 4.15 4.50
C ALA A 238 6.89 4.09 5.92
N TYR A 239 7.98 4.76 6.19
CA TYR A 239 8.61 4.68 7.54
C TYR A 239 9.39 5.96 7.74
N TYR A 240 9.91 6.21 8.95
CA TYR A 240 10.78 7.38 9.19
C TYR A 240 12.21 7.03 9.14
N ASP A 241 12.92 7.66 8.23
CA ASP A 241 14.36 7.57 8.28
C ASP A 241 14.91 8.85 8.93
N VAL A 242 16.22 9.06 8.84
CA VAL A 242 16.88 10.24 9.40
C VAL A 242 17.64 10.97 8.26
N VAL A 243 17.68 12.29 8.35
CA VAL A 243 18.31 13.08 7.28
C VAL A 243 19.78 12.74 6.95
N SER A 244 20.64 12.59 7.95
CA SER A 244 22.07 12.17 7.72
C SER A 244 22.19 10.85 6.93
N GLY A 245 21.15 10.03 6.95
CA GLY A 245 21.16 8.83 6.13
C GLY A 245 20.54 8.95 4.74
N ILE A 246 20.26 10.17 4.27
CA ILE A 246 19.66 10.40 2.94
C ILE A 246 20.64 11.20 2.10
N GLU A 247 21.62 10.51 1.53
CA GLU A 247 22.72 11.17 0.87
C GLU A 247 22.29 12.00 -0.33
N LYS A 248 21.24 11.57 -1.04
CA LYS A 248 20.75 12.26 -2.23
C LYS A 248 20.12 13.64 -1.92
N LEU A 249 19.97 13.98 -0.63
CA LEU A 249 19.49 15.33 -0.20
C LEU A 249 20.63 16.26 0.23
N GLU A 250 21.83 15.70 0.33
CA GLU A 250 23.03 16.51 0.67
C GLU A 250 23.19 17.69 -0.26
N GLY A 251 23.32 18.89 0.34
CA GLY A 251 23.44 20.16 -0.36
C GLY A 251 22.10 20.80 -0.74
N LEU A 252 21.00 20.11 -0.44
CA LEU A 252 19.68 20.54 -0.87
C LEU A 252 18.79 21.08 0.23
N LEU A 253 19.24 21.00 1.48
CA LEU A 253 18.36 21.16 2.59
C LEU A 253 18.69 22.45 3.24
N PRO A 254 17.65 23.21 3.66
CA PRO A 254 17.88 24.51 4.34
C PRO A 254 18.37 24.26 5.75
N GLU A 255 18.83 25.30 6.40
CA GLU A 255 19.51 25.21 7.70
C GLU A 255 18.71 24.53 8.83
N ASP A 256 17.39 24.78 8.90
CA ASP A 256 16.52 24.18 9.91
C ASP A 256 16.05 22.77 9.63
N ILE A 257 16.55 22.18 8.56
CA ILE A 257 16.43 20.71 8.47
C ILE A 257 17.79 20.07 8.44
N GLY A 258 18.33 19.75 9.62
CA GLY A 258 19.73 19.25 9.69
C GLY A 258 19.83 17.72 9.73
N PRO A 259 21.02 17.18 10.03
CA PRO A 259 21.38 15.78 9.88
C PRO A 259 20.62 14.89 10.86
N ASP A 260 20.21 15.49 11.97
CA ASP A 260 19.43 14.81 12.99
C ASP A 260 17.95 14.75 12.71
N SER A 261 17.48 15.43 11.65
CA SER A 261 16.05 15.52 11.44
C SER A 261 15.47 14.17 10.98
N PRO A 262 14.33 13.77 11.56
CA PRO A 262 13.60 12.64 10.95
C PRO A 262 13.09 13.01 9.57
N MET A 263 12.79 12.00 8.77
CA MET A 263 12.20 12.20 7.48
C MET A 263 11.32 11.02 7.15
N ALA A 264 10.03 11.28 6.91
CA ALA A 264 9.14 10.27 6.43
C ALA A 264 9.53 9.88 4.99
N ILE A 265 9.64 8.58 4.76
CA ILE A 265 9.96 8.00 3.40
C ILE A 265 8.81 7.15 2.86
N ASN A 266 8.29 7.53 1.70
CA ASN A 266 7.40 6.69 0.87
C ASN A 266 8.26 5.81 -0.05
N CYS A 267 8.33 4.54 0.32
CA CYS A 267 9.29 3.63 -0.34
C CYS A 267 9.05 3.39 -1.85
N GLU A 268 7.82 3.02 -2.18
CA GLU A 268 7.41 2.53 -3.49
C GLU A 268 8.27 1.34 -3.78
N TYR A 269 8.43 0.45 -2.81
CA TYR A 269 9.30 -0.71 -3.03
C TYR A 269 8.75 -1.87 -3.90
N GLY A 270 7.66 -1.64 -4.64
CA GLY A 270 7.19 -2.66 -5.62
C GLY A 270 8.28 -3.02 -6.66
N SER A 271 9.19 -2.10 -6.97
CA SER A 271 10.24 -2.35 -7.94
C SER A 271 11.47 -3.06 -7.31
N PHE A 272 11.44 -3.30 -6.01
CA PHE A 272 12.55 -4.06 -5.40
C PHE A 272 12.83 -5.33 -6.17
N ASP A 273 14.09 -5.60 -6.36
CA ASP A 273 14.58 -6.79 -7.09
C ASP A 273 14.13 -6.98 -8.57
N ASN A 274 13.85 -5.88 -9.29
CA ASN A 274 13.72 -5.92 -10.76
C ASN A 274 14.88 -6.62 -11.46
N GLU A 275 16.07 -6.58 -10.85
CA GLU A 275 17.26 -7.26 -11.40
C GLU A 275 17.09 -8.78 -11.36
N HIS A 276 16.20 -9.29 -10.50
CA HIS A 276 15.94 -10.73 -10.29
C HIS A 276 17.15 -11.48 -9.69
N LEU A 277 17.71 -10.97 -8.61
CA LEU A 277 18.87 -11.52 -7.95
C LEU A 277 18.53 -12.36 -6.70
N VAL A 278 17.35 -12.14 -6.10
CA VAL A 278 17.08 -12.65 -4.79
C VAL A 278 15.66 -13.29 -4.65
N LEU A 279 14.66 -12.73 -5.31
CA LEU A 279 13.33 -13.30 -5.19
C LEU A 279 13.28 -14.71 -5.77
N PRO A 280 12.61 -15.66 -5.08
CA PRO A 280 12.63 -17.02 -5.55
C PRO A 280 11.48 -17.23 -6.56
N ARG A 281 11.67 -16.69 -7.75
CA ARG A 281 10.68 -16.80 -8.85
C ARG A 281 10.64 -18.22 -9.39
N THR A 282 9.45 -18.70 -9.77
CA THR A 282 9.35 -20.00 -10.30
C THR A 282 9.11 -19.79 -11.75
N LYS A 283 9.19 -20.86 -12.56
CA LYS A 283 8.81 -20.71 -13.94
C LYS A 283 7.42 -20.04 -14.13
N TYR A 284 6.47 -20.22 -13.19
CA TYR A 284 5.15 -19.57 -13.31
C TYR A 284 5.26 -18.07 -13.12
N ASP A 285 6.15 -17.64 -12.20
CA ASP A 285 6.42 -16.22 -11.98
C ASP A 285 7.11 -15.61 -13.19
N VAL A 286 8.08 -16.29 -13.78
CA VAL A 286 8.68 -15.80 -14.98
C VAL A 286 7.63 -15.57 -16.11
N ILE A 287 6.65 -16.45 -16.24
CA ILE A 287 5.61 -16.28 -17.29
C ILE A 287 4.76 -15.05 -16.99
N ILE A 288 4.29 -14.90 -15.73
CA ILE A 288 3.51 -13.74 -15.35
C ILE A 288 4.25 -12.47 -15.76
N ASP A 289 5.54 -12.43 -15.52
CA ASP A 289 6.33 -11.25 -15.85
C ASP A 289 6.49 -10.97 -17.33
N GLU A 290 6.85 -12.01 -18.10
CA GLU A 290 6.98 -11.87 -19.52
C GLU A 290 5.63 -11.47 -20.15
N GLU A 291 4.52 -11.88 -19.53
CA GLU A 291 3.24 -11.66 -20.23
C GLU A 291 2.62 -10.34 -19.78
N SER A 292 3.14 -9.78 -18.68
CA SER A 292 2.66 -8.54 -18.13
C SER A 292 2.89 -7.35 -19.12
N PRO A 293 2.15 -6.23 -18.94
CA PRO A 293 2.37 -4.98 -19.74
C PRO A 293 3.83 -4.44 -19.65
N ARG A 294 4.55 -4.78 -18.58
CA ARG A 294 5.91 -4.28 -18.35
C ARG A 294 6.86 -5.35 -17.83
N PRO A 295 7.31 -6.24 -18.72
CA PRO A 295 8.28 -7.24 -18.22
C PRO A 295 9.53 -6.57 -17.58
N GLY A 296 10.00 -7.14 -16.48
CA GLY A 296 11.19 -6.66 -15.82
C GLY A 296 10.95 -5.50 -14.88
N GLN A 297 9.68 -5.13 -14.67
CA GLN A 297 9.33 -4.07 -13.71
C GLN A 297 8.51 -4.66 -12.57
N GLN A 298 8.44 -3.95 -11.44
CA GLN A 298 7.47 -4.29 -10.39
C GLN A 298 7.73 -5.68 -9.87
N ALA A 299 9.00 -6.11 -9.80
CA ALA A 299 9.27 -7.52 -9.45
C ALA A 299 8.69 -7.91 -8.09
N PHE A 300 8.90 -7.08 -7.04
CA PHE A 300 8.47 -7.42 -5.69
C PHE A 300 6.97 -7.41 -5.57
N GLU A 301 6.36 -6.44 -6.26
CA GLU A 301 4.91 -6.37 -6.33
C GLU A 301 4.30 -7.63 -6.99
N LYS A 302 4.94 -8.08 -8.07
CA LYS A 302 4.46 -9.27 -8.79
C LYS A 302 4.47 -10.49 -7.91
N MET A 303 5.42 -10.51 -6.97
CA MET A 303 5.55 -11.64 -6.02
C MET A 303 4.77 -11.47 -4.73
N THR A 304 4.16 -10.31 -4.50
CA THR A 304 3.46 -10.12 -3.19
C THR A 304 2.04 -9.56 -3.34
N SER A 305 1.76 -8.90 -4.45
CA SER A 305 0.47 -8.30 -4.65
C SER A 305 -0.60 -9.38 -4.75
N GLY A 306 -1.79 -9.09 -4.20
CA GLY A 306 -2.96 -9.98 -4.26
C GLY A 306 -3.49 -10.09 -5.68
N TYR A 307 -3.12 -9.13 -6.49
CA TYR A 307 -3.55 -9.13 -7.87
C TYR A 307 -3.09 -10.40 -8.70
N TYR A 308 -1.94 -10.98 -8.37
CA TYR A 308 -1.42 -12.05 -9.25
C TYR A 308 -1.64 -13.41 -8.65
N LEU A 309 -2.19 -13.49 -7.45
CA LEU A 309 -2.30 -14.81 -6.75
C LEU A 309 -3.16 -15.85 -7.54
N GLY A 310 -4.25 -15.39 -8.18
CA GLY A 310 -5.08 -16.25 -9.00
C GLY A 310 -4.39 -16.69 -10.32
N GLU A 311 -3.69 -15.77 -11.00
CA GLU A 311 -2.99 -16.06 -12.21
C GLU A 311 -1.88 -17.11 -11.89
N ILE A 312 -1.20 -16.94 -10.74
CA ILE A 312 -0.26 -17.98 -10.37
C ILE A 312 -0.90 -19.38 -10.29
N MET A 313 -2.03 -19.49 -9.57
CA MET A 313 -2.73 -20.78 -9.45
C MET A 313 -3.17 -21.31 -10.86
N ARG A 314 -3.58 -20.39 -11.75
CA ARG A 314 -4.14 -20.76 -13.05
C ARG A 314 -3.08 -21.48 -13.96
N LEU A 315 -1.93 -20.84 -14.03
CA LEU A 315 -0.74 -21.33 -14.73
C LEU A 315 -0.30 -22.66 -14.15
N VAL A 316 -0.26 -22.77 -12.83
CA VAL A 316 0.08 -24.07 -12.23
C VAL A 316 -0.94 -25.16 -12.65
N LEU A 317 -2.23 -24.92 -12.46
CA LEU A 317 -3.25 -25.89 -12.84
C LEU A 317 -3.23 -26.26 -14.34
N LEU A 318 -2.99 -25.25 -15.17
CA LEU A 318 -2.89 -25.47 -16.58
C LEU A 318 -1.69 -26.40 -16.89
N ASP A 319 -0.58 -26.15 -16.23
CA ASP A 319 0.58 -27.00 -16.38
C ASP A 319 0.32 -28.46 -15.96
N LEU A 320 -0.33 -28.65 -14.82
CA LEU A 320 -0.71 -29.99 -14.36
C LEU A 320 -1.74 -30.65 -15.32
N TYR A 321 -2.71 -29.87 -15.83
CA TYR A 321 -3.56 -30.38 -16.92
C TYR A 321 -2.74 -30.81 -18.15
N ASP A 322 -1.84 -29.96 -18.63
CA ASP A 322 -1.03 -30.21 -19.80
C ASP A 322 -0.13 -31.47 -19.67
N SER A 323 0.32 -31.77 -18.45
CA SER A 323 1.12 -32.96 -18.17
C SER A 323 0.31 -34.22 -17.85
N GLY A 324 -1.02 -34.14 -17.76
CA GLY A 324 -1.81 -35.36 -17.53
C GLY A 324 -2.29 -35.71 -16.12
N PHE A 325 -2.07 -34.80 -15.16
CA PHE A 325 -2.32 -35.10 -13.76
C PHE A 325 -3.72 -34.80 -13.38
N ILE A 326 -4.32 -33.78 -13.98
CA ILE A 326 -5.62 -33.31 -13.50
C ILE A 326 -6.53 -32.87 -14.63
N PHE A 327 -7.81 -32.77 -14.29
CA PHE A 327 -8.87 -32.23 -15.17
C PHE A 327 -8.98 -33.06 -16.44
N LYS A 328 -8.83 -34.37 -16.26
CA LYS A 328 -8.90 -35.21 -17.44
C LYS A 328 -10.37 -35.19 -17.96
N ASP A 329 -10.43 -35.13 -19.27
CA ASP A 329 -11.64 -35.04 -20.03
C ASP A 329 -12.38 -33.71 -19.84
N GLN A 330 -11.77 -32.72 -19.17
CA GLN A 330 -12.41 -31.42 -18.98
C GLN A 330 -12.21 -30.40 -20.08
N ASP A 331 -13.15 -29.45 -20.08
CA ASP A 331 -13.14 -28.30 -20.91
C ASP A 331 -12.22 -27.21 -20.28
N ILE A 332 -11.07 -26.93 -20.89
CA ILE A 332 -10.17 -25.96 -20.31
C ILE A 332 -10.19 -24.63 -21.07
N SER A 333 -11.26 -24.38 -21.82
CA SER A 333 -11.29 -23.17 -22.63
C SER A 333 -11.45 -21.89 -21.84
N LYS A 334 -11.92 -21.99 -20.60
CA LYS A 334 -11.94 -20.82 -19.73
C LYS A 334 -10.64 -20.74 -18.93
N LEU A 335 -10.14 -21.90 -18.49
CA LEU A 335 -8.89 -21.99 -17.79
C LEU A 335 -7.75 -21.39 -18.59
N LYS A 336 -7.85 -21.50 -19.92
CA LYS A 336 -6.77 -21.03 -20.81
C LYS A 336 -6.70 -19.51 -20.85
N GLU A 337 -7.75 -18.81 -20.40
CA GLU A 337 -7.78 -17.32 -20.45
C GLU A 337 -6.93 -16.64 -19.36
N ALA A 338 -5.95 -15.84 -19.77
CA ALA A 338 -5.16 -15.09 -18.79
C ALA A 338 -6.05 -14.20 -17.90
N TYR A 339 -5.71 -14.12 -16.62
CA TYR A 339 -6.43 -13.35 -15.59
C TYR A 339 -7.88 -13.75 -15.32
N VAL A 340 -8.32 -14.90 -15.88
CA VAL A 340 -9.70 -15.41 -15.56
C VAL A 340 -9.81 -15.70 -14.03
N MET A 341 -8.73 -16.11 -13.39
CA MET A 341 -8.79 -16.33 -11.98
C MET A 341 -8.22 -15.12 -11.25
N ASP A 342 -9.09 -14.28 -10.68
CA ASP A 342 -8.68 -13.19 -9.80
C ASP A 342 -8.40 -13.64 -8.35
N THR A 343 -8.13 -12.65 -7.47
CA THR A 343 -7.74 -12.92 -6.09
C THR A 343 -8.85 -13.64 -5.29
N SER A 344 -10.09 -13.48 -5.72
CA SER A 344 -11.21 -14.20 -5.10
C SER A 344 -11.06 -15.73 -5.19
N TYR A 345 -10.28 -16.26 -6.15
CA TYR A 345 -10.12 -17.72 -6.19
C TYR A 345 -9.33 -18.34 -5.02
N PRO A 346 -8.06 -17.96 -4.87
CA PRO A 346 -7.33 -18.56 -3.71
C PRO A 346 -7.99 -18.18 -2.38
N SER A 347 -8.59 -16.99 -2.34
CA SER A 347 -9.34 -16.53 -1.15
C SER A 347 -10.53 -17.42 -0.79
N LYS A 348 -11.39 -17.67 -1.79
CA LYS A 348 -12.54 -18.54 -1.55
C LYS A 348 -12.09 -19.96 -1.24
N ILE A 349 -11.07 -20.41 -1.95
CA ILE A 349 -10.62 -21.77 -1.78
C ILE A 349 -10.03 -22.00 -0.36
N GLU A 350 -9.18 -21.07 0.11
CA GLU A 350 -8.63 -21.15 1.48
C GLU A 350 -9.72 -21.04 2.54
N ASP A 351 -10.79 -20.30 2.24
CA ASP A 351 -11.91 -20.17 3.14
C ASP A 351 -12.88 -21.34 3.13
N ASP A 352 -12.79 -22.23 2.12
CA ASP A 352 -13.71 -23.34 1.96
C ASP A 352 -13.73 -24.20 3.24
N PRO A 353 -14.86 -24.26 3.96
CA PRO A 353 -14.83 -24.98 5.24
C PRO A 353 -15.21 -26.43 5.09
N PHE A 354 -15.47 -26.92 3.86
CA PHE A 354 -16.05 -28.25 3.71
C PHE A 354 -14.96 -29.27 3.58
N GLU A 355 -15.17 -30.40 4.23
CA GLU A 355 -14.26 -31.52 4.14
C GLU A 355 -14.03 -31.90 2.70
N ASN A 356 -15.10 -31.99 1.92
CA ASN A 356 -14.98 -32.32 0.52
C ASN A 356 -14.85 -31.08 -0.39
N LEU A 357 -14.54 -29.95 0.23
CA LEU A 357 -14.25 -28.69 -0.50
C LEU A 357 -15.31 -28.26 -1.59
N GLU A 358 -16.56 -28.15 -1.15
CA GLU A 358 -17.69 -27.86 -1.99
C GLU A 358 -17.69 -26.41 -2.54
N ASP A 359 -17.09 -25.47 -1.81
CA ASP A 359 -17.03 -24.09 -2.31
C ASP A 359 -16.05 -24.10 -3.50
N THR A 360 -15.02 -24.91 -3.40
CA THR A 360 -14.02 -25.00 -4.45
C THR A 360 -14.64 -25.66 -5.68
N ASP A 361 -15.44 -26.69 -5.45
CA ASP A 361 -16.15 -27.41 -6.46
C ASP A 361 -17.13 -26.47 -7.23
N ASP A 362 -17.93 -25.68 -6.51
CA ASP A 362 -18.85 -24.71 -7.09
C ASP A 362 -18.13 -23.66 -7.95
N LEU A 363 -17.04 -23.11 -7.44
CA LEU A 363 -16.27 -22.09 -8.15
C LEU A 363 -15.77 -22.62 -9.51
N PHE A 364 -15.19 -23.83 -9.49
CA PHE A 364 -14.62 -24.36 -10.70
C PHE A 364 -15.65 -24.80 -11.66
N LYS A 365 -16.72 -25.46 -11.21
CA LYS A 365 -17.80 -25.89 -12.12
C LYS A 365 -18.55 -24.71 -12.79
N THR A 366 -19.09 -23.83 -11.95
CA THR A 366 -19.80 -22.66 -12.33
C THR A 366 -19.01 -21.67 -13.19
N ASN A 367 -17.85 -21.21 -12.69
CA ASN A 367 -17.11 -20.17 -13.40
C ASN A 367 -16.18 -20.65 -14.53
N LEU A 368 -15.62 -21.87 -14.38
CA LEU A 368 -14.55 -22.37 -15.29
C LEU A 368 -15.05 -23.53 -16.12
N ASN A 369 -16.24 -24.01 -15.78
CA ASN A 369 -16.88 -25.13 -16.40
C ASN A 369 -16.05 -26.42 -16.30
N ILE A 370 -15.28 -26.52 -15.24
CA ILE A 370 -14.43 -27.71 -14.93
C ILE A 370 -15.05 -28.52 -13.76
N GLU A 371 -15.28 -29.82 -13.98
CA GLU A 371 -15.66 -30.70 -12.88
C GLU A 371 -14.43 -31.32 -12.26
N THR A 372 -14.36 -31.23 -10.96
CA THR A 372 -13.16 -31.64 -10.25
C THR A 372 -13.47 -32.90 -9.43
N THR A 373 -12.47 -33.74 -9.20
CA THR A 373 -12.56 -34.75 -8.12
C THR A 373 -12.11 -34.15 -6.76
N VAL A 374 -12.51 -34.78 -5.68
CA VAL A 374 -12.15 -34.34 -4.38
C VAL A 374 -10.65 -34.28 -4.23
N VAL A 375 -9.94 -35.28 -4.79
CA VAL A 375 -8.49 -35.27 -4.72
C VAL A 375 -7.89 -34.05 -5.48
N GLU A 376 -8.49 -33.69 -6.60
CA GLU A 376 -8.03 -32.49 -7.27
C GLU A 376 -8.24 -31.25 -6.40
N ARG A 377 -9.39 -31.22 -5.70
CA ARG A 377 -9.75 -30.05 -4.86
C ARG A 377 -8.78 -29.96 -3.68
N LYS A 378 -8.40 -31.09 -3.09
CA LYS A 378 -7.29 -31.10 -2.07
C LYS A 378 -5.99 -30.53 -2.64
N LEU A 379 -5.53 -30.98 -3.82
CA LEU A 379 -4.41 -30.31 -4.45
C LEU A 379 -4.64 -28.79 -4.66
N ILE A 380 -5.83 -28.41 -5.15
CA ILE A 380 -6.11 -27.02 -5.42
C ILE A 380 -6.04 -26.20 -4.14
N ARG A 381 -6.61 -26.73 -3.07
CA ARG A 381 -6.58 -26.04 -1.79
C ARG A 381 -5.11 -25.86 -1.22
N LYS A 382 -4.33 -26.92 -1.28
CA LYS A 382 -2.93 -26.87 -0.89
C LYS A 382 -2.17 -25.82 -1.71
N LEU A 383 -2.47 -25.75 -2.99
CA LEU A 383 -1.83 -24.78 -3.85
C LEU A 383 -2.18 -23.34 -3.45
N ALA A 384 -3.46 -23.07 -3.13
CA ALA A 384 -3.94 -21.72 -2.73
C ALA A 384 -3.20 -21.30 -1.47
N GLU A 385 -3.12 -22.23 -0.53
CA GLU A 385 -2.40 -21.98 0.72
C GLU A 385 -0.94 -21.65 0.48
N LEU A 386 -0.28 -22.44 -0.35
CA LEU A 386 1.13 -22.19 -0.73
C LEU A 386 1.33 -20.81 -1.32
N VAL A 387 0.49 -20.42 -2.26
CA VAL A 387 0.62 -19.15 -2.97
C VAL A 387 0.40 -17.89 -2.01
N GLY A 388 -0.65 -17.99 -1.20
CA GLY A 388 -0.97 -17.00 -0.19
C GLY A 388 0.10 -16.89 0.88
N THR A 389 0.59 -18.02 1.39
CA THR A 389 1.62 -18.05 2.45
C THR A 389 2.92 -17.48 1.93
N ARG A 390 3.26 -17.86 0.68
CA ARG A 390 4.43 -17.30 0.04
C ARG A 390 4.33 -15.79 -0.08
N ALA A 391 3.20 -15.30 -0.59
CA ALA A 391 3.00 -13.86 -0.72
C ALA A 391 3.29 -13.12 0.62
N ALA A 392 2.75 -13.65 1.74
CA ALA A 392 2.92 -13.10 3.07
C ALA A 392 4.36 -13.15 3.59
N ARG A 393 5.00 -14.32 3.46
CA ARG A 393 6.40 -14.42 3.78
C ARG A 393 7.30 -13.40 3.03
N LEU A 394 7.09 -13.24 1.74
CA LEU A 394 7.83 -12.22 1.02
C LEU A 394 7.51 -10.79 1.43
N THR A 395 6.25 -10.52 1.80
CA THR A 395 5.86 -9.18 2.21
C THR A 395 6.61 -8.83 3.48
N VAL A 396 6.86 -9.81 4.34
CA VAL A 396 7.39 -9.45 5.64
C VAL A 396 8.88 -9.24 5.59
N CYS A 397 9.49 -9.71 4.51
CA CYS A 397 10.84 -9.35 4.19
C CYS A 397 10.98 -7.83 4.06
N GLY A 398 9.96 -7.15 3.53
CA GLY A 398 10.02 -5.65 3.46
C GLY A 398 9.96 -5.06 4.86
N VAL A 399 9.10 -5.64 5.67
CA VAL A 399 8.93 -5.26 7.05
C VAL A 399 10.21 -5.47 7.83
N SER A 400 10.85 -6.63 7.67
CA SER A 400 12.04 -6.98 8.43
C SER A 400 13.24 -6.11 7.95
N ALA A 401 13.26 -5.77 6.66
CA ALA A 401 14.35 -4.94 6.12
C ALA A 401 14.31 -3.52 6.78
N ILE A 402 13.14 -2.88 6.75
CA ILE A 402 12.96 -1.59 7.46
C ILE A 402 13.36 -1.66 8.96
N CYS A 403 12.79 -2.62 9.70
CA CYS A 403 13.13 -2.84 11.11
C CYS A 403 14.62 -3.05 11.35
N ASP A 404 15.26 -3.92 10.55
CA ASP A 404 16.66 -4.24 10.76
C ASP A 404 17.58 -3.07 10.37
N LYS A 405 17.22 -2.41 9.26
CA LYS A 405 17.94 -1.22 8.80
C LYS A 405 17.93 -0.14 9.88
N ARG A 406 16.78 0.00 10.55
CA ARG A 406 16.65 1.10 11.52
C ARG A 406 16.87 0.67 12.95
N GLY A 407 17.19 -0.61 13.20
CA GLY A 407 17.48 -1.13 14.56
C GLY A 407 16.25 -1.09 15.46
N TYR A 408 15.09 -1.32 14.87
CA TYR A 408 13.87 -1.44 15.64
C TYR A 408 13.78 -2.91 16.08
N LYS A 409 14.03 -3.19 17.35
CA LYS A 409 13.75 -4.52 17.89
C LYS A 409 12.24 -4.81 18.20
N THR A 410 11.46 -3.77 18.50
CA THR A 410 10.01 -3.97 18.70
C THR A 410 9.33 -2.97 17.77
N ALA A 411 8.14 -3.31 17.26
CA ALA A 411 7.46 -2.44 16.29
C ALA A 411 6.03 -2.90 16.13
N HIS A 412 5.14 -1.92 15.90
CA HIS A 412 3.79 -2.12 15.41
C HIS A 412 3.89 -1.68 14.01
N ILE A 413 3.43 -2.55 13.12
CA ILE A 413 3.57 -2.31 11.76
C ILE A 413 2.13 -2.07 11.33
N ALA A 414 1.84 -0.83 10.92
CA ALA A 414 0.42 -0.47 10.66
C ALA A 414 0.06 -0.83 9.24
N ALA A 415 -0.80 -1.83 9.10
CA ALA A 415 -1.17 -2.40 7.79
C ALA A 415 -2.58 -2.15 7.28
N ASP A 416 -2.69 -2.02 5.98
CA ASP A 416 -3.97 -1.83 5.31
C ASP A 416 -3.87 -2.50 3.95
N GLY A 417 -4.93 -2.39 3.17
CA GLY A 417 -4.99 -2.99 1.82
C GLY A 417 -5.91 -4.19 1.90
N SER A 418 -6.61 -4.47 0.79
CA SER A 418 -7.57 -5.55 0.64
C SER A 418 -7.06 -6.97 0.95
N VAL A 419 -5.81 -7.26 0.57
CA VAL A 419 -5.12 -8.50 1.01
C VAL A 419 -4.94 -8.60 2.50
N PHE A 420 -4.27 -7.61 3.14
CA PHE A 420 -4.16 -7.70 4.61
C PHE A 420 -5.52 -7.83 5.28
N ASN A 421 -6.51 -7.01 4.84
CA ASN A 421 -7.83 -7.03 5.48
C ASN A 421 -8.72 -8.25 5.17
N ARG A 422 -8.62 -8.81 3.95
CA ARG A 422 -9.68 -9.73 3.54
C ARG A 422 -9.19 -11.14 3.23
N TYR A 423 -7.91 -11.30 2.89
CA TYR A 423 -7.35 -12.62 2.55
C TYR A 423 -7.25 -13.57 3.79
N PRO A 424 -7.82 -14.79 3.67
CA PRO A 424 -7.99 -15.68 4.84
C PRO A 424 -6.65 -16.01 5.56
N GLY A 425 -6.56 -15.75 6.85
CA GLY A 425 -5.40 -16.21 7.58
C GLY A 425 -4.22 -15.32 7.30
N TYR A 426 -4.43 -14.26 6.55
CA TYR A 426 -3.27 -13.44 6.13
C TYR A 426 -2.43 -12.99 7.30
N LYS A 427 -3.07 -12.53 8.37
CA LYS A 427 -2.38 -11.99 9.51
C LYS A 427 -1.63 -13.12 10.24
N GLU A 428 -2.27 -14.29 10.39
CA GLU A 428 -1.56 -15.45 10.96
C GLU A 428 -0.32 -15.90 10.12
N LYS A 429 -0.42 -15.86 8.80
CA LYS A 429 0.71 -16.16 7.85
C LYS A 429 1.87 -15.20 8.00
N ALA A 430 1.58 -13.91 8.00
CA ALA A 430 2.60 -12.85 8.24
C ALA A 430 3.27 -13.00 9.61
N ALA A 431 2.47 -13.24 10.64
CA ALA A 431 3.01 -13.29 11.96
C ALA A 431 3.99 -14.49 12.12
N GLN A 432 3.60 -15.66 11.63
CA GLN A 432 4.47 -16.87 11.57
C GLN A 432 5.72 -16.59 10.75
N ALA A 433 5.57 -15.88 9.62
CA ALA A 433 6.75 -15.40 8.82
C ALA A 433 7.74 -14.61 9.66
N LEU A 434 7.28 -13.62 10.44
CA LEU A 434 8.20 -12.85 11.33
C LEU A 434 8.81 -13.72 12.42
N LYS A 435 8.02 -14.63 12.94
CA LYS A 435 8.47 -15.40 14.01
C LYS A 435 9.60 -16.35 13.50
N ASP A 436 9.46 -16.86 12.28
CA ASP A 436 10.50 -17.72 11.69
C ASP A 436 11.78 -16.93 11.35
N ILE A 437 11.65 -15.76 10.71
CA ILE A 437 12.80 -14.84 10.50
C ILE A 437 13.62 -14.59 11.78
N TYR A 438 12.97 -14.17 12.87
CA TYR A 438 13.67 -13.75 14.07
C TYR A 438 13.89 -14.88 15.06
N ASN A 439 13.19 -16.00 14.84
CA ASN A 439 13.33 -17.20 15.63
C ASN A 439 12.99 -16.95 17.11
N TRP A 440 11.87 -16.25 17.34
CA TRP A 440 11.42 -15.92 18.69
C TRP A 440 10.88 -17.17 19.39
N ASP A 441 11.06 -17.28 20.73
CA ASP A 441 10.26 -18.24 21.52
C ASP A 441 9.14 -17.44 22.20
N VAL A 442 8.08 -17.23 21.42
CA VAL A 442 6.87 -16.54 21.86
C VAL A 442 5.71 -17.32 21.23
N GLU A 443 4.76 -17.73 22.07
CA GLU A 443 3.65 -18.59 21.67
C GLU A 443 2.68 -17.88 20.71
N LYS A 444 2.17 -16.71 21.14
CA LYS A 444 1.07 -15.99 20.45
C LYS A 444 1.52 -14.77 19.69
N MET A 445 0.84 -14.52 18.59
CA MET A 445 1.17 -13.42 17.69
C MET A 445 1.06 -12.09 18.39
N GLU A 446 0.02 -11.94 19.21
CA GLU A 446 -0.31 -10.69 19.91
C GLU A 446 0.90 -10.19 20.74
N ASP A 447 1.80 -11.13 21.09
CA ASP A 447 3.03 -10.87 21.87
C ASP A 447 4.35 -10.83 21.04
N HIS A 448 4.29 -11.01 19.72
CA HIS A 448 5.50 -10.88 18.88
C HIS A 448 6.10 -9.47 19.08
N PRO A 449 7.42 -9.37 19.34
CA PRO A 449 8.05 -8.03 19.35
C PRO A 449 7.70 -7.16 18.15
N ILE A 450 7.61 -7.77 16.96
CA ILE A 450 7.30 -7.02 15.77
C ILE A 450 6.03 -7.62 15.22
N GLN A 451 4.97 -6.83 15.14
CA GLN A 451 3.69 -7.36 14.76
C GLN A 451 2.93 -6.41 13.89
N LEU A 452 2.02 -6.98 13.08
CA LEU A 452 1.21 -6.19 12.15
C LEU A 452 -0.07 -5.88 12.85
N VAL A 453 -0.49 -4.61 12.80
CA VAL A 453 -1.78 -4.20 13.43
C VAL A 453 -2.64 -3.46 12.36
N ALA A 454 -3.95 -3.48 12.53
CA ALA A 454 -4.84 -2.71 11.68
C ALA A 454 -4.47 -1.18 11.67
N ALA A 455 -4.11 -0.64 10.50
CA ALA A 455 -3.88 0.81 10.33
C ALA A 455 -5.07 1.69 10.59
N GLU A 456 -4.77 2.93 10.98
CA GLU A 456 -5.73 4.02 10.90
C GLU A 456 -5.91 4.42 9.42
N ASP A 457 -6.95 5.17 9.14
CA ASP A 457 -7.29 5.68 7.79
C ASP A 457 -6.18 6.63 7.25
N GLY A 458 -5.34 6.14 6.35
CA GLY A 458 -4.22 6.91 5.80
C GLY A 458 -4.53 8.12 4.93
N SER A 459 -5.43 7.96 3.96
CA SER A 459 -5.75 8.98 2.97
C SER A 459 -6.64 10.07 3.52
N GLY A 460 -7.33 9.76 4.62
CA GLY A 460 -8.21 10.75 5.22
C GLY A 460 -7.59 11.28 6.50
N VAL A 461 -7.80 10.58 7.59
CA VAL A 461 -7.14 10.92 8.89
C VAL A 461 -5.64 11.24 8.78
N GLY A 462 -4.88 10.37 8.11
CA GLY A 462 -3.46 10.56 7.91
C GLY A 462 -3.09 11.89 7.29
N ALA A 463 -3.85 12.28 6.25
CA ALA A 463 -3.65 13.55 5.60
C ALA A 463 -3.92 14.73 6.54
N ALA A 464 -4.94 14.61 7.39
CA ALA A 464 -5.34 15.71 8.27
C ALA A 464 -4.27 15.86 9.37
N ILE A 465 -3.83 14.76 9.94
CA ILE A 465 -2.73 14.80 10.88
C ILE A 465 -1.43 15.35 10.32
N ILE A 466 -1.08 14.96 9.12
CA ILE A 466 0.08 15.55 8.44
C ILE A 466 -0.05 17.07 8.27
N ALA A 467 -1.30 17.50 8.02
CA ALA A 467 -1.63 18.88 7.85
C ALA A 467 -1.41 19.57 9.15
N CYS A 468 -1.82 18.94 10.25
CA CYS A 468 -1.45 19.38 11.59
C CYS A 468 0.08 19.58 11.82
N LEU A 469 0.89 18.56 11.48
CA LEU A 469 2.31 18.60 11.75
C LEU A 469 2.96 19.67 10.89
N THR A 470 2.45 19.81 9.69
CA THR A 470 3.04 20.73 8.75
C THR A 470 2.79 22.16 9.22
N GLN A 471 1.52 22.48 9.50
CA GLN A 471 1.17 23.75 10.14
C GLN A 471 2.10 24.13 11.36
N LYS A 472 2.44 23.18 12.23
CA LYS A 472 3.36 23.51 13.36
C LYS A 472 4.63 24.13 12.81
N ARG A 473 5.22 23.52 11.77
CA ARG A 473 6.44 24.09 11.19
C ARG A 473 6.23 25.39 10.43
N LEU A 474 5.24 25.43 9.53
CA LEU A 474 4.97 26.67 8.79
C LEU A 474 4.72 27.88 9.74
N ALA A 475 3.85 27.67 10.77
CA ALA A 475 3.46 28.75 11.71
C ALA A 475 4.72 29.31 12.36
N ALA A 476 5.76 28.49 12.44
CA ALA A 476 7.01 28.87 13.09
C ALA A 476 7.97 29.50 12.10
N GLY A 477 7.61 29.59 10.84
CA GLY A 477 8.59 30.08 9.86
C GLY A 477 9.64 29.01 9.55
N LYS A 478 9.33 27.73 9.76
CA LYS A 478 10.34 26.68 9.60
C LYS A 478 10.10 25.93 8.27
N SER A 479 11.17 25.36 7.69
CA SER A 479 11.09 24.77 6.33
C SER A 479 10.39 23.43 6.29
N VAL A 480 9.66 23.18 5.21
CA VAL A 480 9.09 21.84 4.96
C VAL A 480 9.46 21.27 3.57
N GLY A 481 10.68 21.53 3.15
CA GLY A 481 11.10 21.12 1.83
C GLY A 481 12.48 21.63 1.49
N ILE A 482 12.86 21.41 0.23
CA ILE A 482 14.17 21.68 -0.33
C ILE A 482 14.47 23.20 -0.29
N LYS A 483 15.75 23.56 -0.10
CA LYS A 483 16.09 24.98 0.10
C LYS A 483 15.69 25.79 -1.09
N GLY A 484 15.21 26.99 -0.82
CA GLY A 484 14.82 27.90 -1.87
C GLY A 484 13.54 27.48 -2.61
N GLU A 485 12.74 26.57 -2.04
CA GLU A 485 11.45 26.17 -2.66
C GLU A 485 10.27 26.76 -1.87
#